data_2PD1
#
_entry.id   2PD1
#
_cell.length_a   67.308
_cell.length_b   68.137
_cell.length_c   162.645
_cell.angle_alpha   90.00
_cell.angle_beta   90.00
_cell.angle_gamma   90.00
#
_symmetry.space_group_name_H-M   'C 2 2 21'
#
loop_
_entity.id
_entity.type
_entity.pdbx_description
1 polymer 'Hypothetical protein'
2 non-polymer 'ACETATE ION'
3 water water
#
_entity_poly.entity_id   1
_entity_poly.type   'polypeptide(L)'
_entity_poly.pdbx_seq_one_letter_code
;GH(MSE)TKLALFVRLEAKPGQEAALADFLASALPLANAESGTTAWFALKFGPSTFGVFDAFADEAGRQAHLNGQIAAAL
(MSE)ANAATLLSSPPNIEKVELLAAKLPAGS
;
_entity_poly.pdbx_strand_id   A,B,C,D
#
loop_
_chem_comp.id
_chem_comp.type
_chem_comp.name
_chem_comp.formula
ACT non-polymer 'ACETATE ION' 'C2 H3 O2 -1'
#
# COMPACT_ATOMS: atom_id res chain seq x y z
N GLY A 1 3.74 -3.39 26.40
CA GLY A 1 3.53 -4.30 27.57
C GLY A 1 2.56 -5.43 27.26
N HIS A 2 2.73 -6.53 28.01
CA HIS A 2 1.85 -7.71 27.93
C HIS A 2 0.49 -7.40 28.54
N MSE A 3 0.39 -6.19 29.09
CA MSE A 3 -0.74 -5.79 29.89
C MSE A 3 -1.85 -5.17 29.06
O MSE A 3 -2.98 -5.09 29.56
CB MSE A 3 -0.27 -4.88 31.02
CG MSE A 3 0.59 -5.61 32.03
SE MSE A 3 -0.55 -6.85 32.98
CE MSE A 3 -1.56 -5.42 33.87
N THR A 4 -1.54 -4.77 27.83
CA THR A 4 -2.57 -4.34 26.87
C THR A 4 -3.04 -5.48 25.98
N LYS A 5 -4.34 -5.74 26.10
CA LYS A 5 -4.91 -6.99 25.66
C LYS A 5 -6.06 -6.94 24.67
N LEU A 6 -6.71 -5.78 24.61
CA LEU A 6 -7.88 -5.59 23.71
C LEU A 6 -7.67 -4.45 22.76
N ALA A 7 -8.38 -4.50 21.64
CA ALA A 7 -8.25 -3.47 20.61
C ALA A 7 -9.54 -3.34 19.81
N LEU A 8 -9.59 -2.25 19.03
CA LEU A 8 -10.64 -2.06 18.01
C LEU A 8 -9.94 -1.72 16.75
N PHE A 9 -10.49 -2.23 15.64
CA PHE A 9 -9.98 -1.90 14.36
C PHE A 9 -11.20 -1.38 13.60
N VAL A 10 -11.20 -0.08 13.32
CA VAL A 10 -12.37 0.60 12.76
C VAL A 10 -12.04 1.07 11.35
N ARG A 11 -12.90 0.74 10.39
CA ARG A 11 -12.73 1.34 9.03
C ARG A 11 -13.79 2.39 8.83
N LEU A 12 -13.42 3.45 8.12
CA LEU A 12 -14.31 4.59 7.91
C LEU A 12 -14.23 4.92 6.43
N GLU A 13 -15.38 5.04 5.78
CA GLU A 13 -15.42 5.34 4.35
CA GLU A 13 -15.39 5.35 4.36
C GLU A 13 -15.93 6.77 4.14
N ALA A 14 -15.07 7.62 3.59
CA ALA A 14 -15.42 9.04 3.41
C ALA A 14 -16.45 9.23 2.29
N LYS A 15 -17.43 10.08 2.52
CA LYS A 15 -18.29 10.55 1.42
C LYS A 15 -17.46 11.25 0.36
N PRO A 16 -17.84 11.10 -0.93
CA PRO A 16 -17.10 11.78 -2.01
C PRO A 16 -17.09 13.28 -1.75
N GLY A 17 -15.93 13.91 -1.88
CA GLY A 17 -15.78 15.34 -1.56
C GLY A 17 -15.43 15.57 -0.08
N GLN A 18 -15.66 14.57 0.75
CA GLN A 18 -15.37 14.72 2.17
C GLN A 18 -14.09 14.03 2.63
N GLU A 19 -13.17 13.68 1.72
CA GLU A 19 -12.02 12.88 2.16
C GLU A 19 -11.08 13.71 3.05
N ALA A 20 -10.81 14.94 2.62
CA ALA A 20 -9.96 15.83 3.41
C ALA A 20 -10.60 16.16 4.75
N ALA A 21 -11.91 16.41 4.71
CA ALA A 21 -12.67 16.75 5.90
C ALA A 21 -12.62 15.63 6.92
N LEU A 22 -12.77 14.39 6.46
CA LEU A 22 -12.66 13.25 7.40
C LEU A 22 -11.23 13.10 7.97
N ALA A 23 -10.21 13.17 7.12
CA ALA A 23 -8.82 13.15 7.58
C ALA A 23 -8.58 14.25 8.64
N ASP A 24 -9.09 15.46 8.38
CA ASP A 24 -8.92 16.56 9.30
C ASP A 24 -9.65 16.26 10.59
N PHE A 25 -10.85 15.70 10.47
CA PHE A 25 -11.65 15.37 11.68
C PHE A 25 -10.87 14.44 12.56
N LEU A 26 -10.35 13.38 11.95
CA LEU A 26 -9.58 12.40 12.67
C LEU A 26 -8.33 12.98 13.31
N ALA A 27 -7.58 13.78 12.57
CA ALA A 27 -6.41 14.37 13.17
C ALA A 27 -6.81 15.30 14.34
N SER A 28 -7.90 16.05 14.22
CA SER A 28 -8.29 16.97 15.30
C SER A 28 -8.77 16.22 16.54
N ALA A 29 -9.03 14.93 16.39
CA ALA A 29 -9.55 14.12 17.48
C ALA A 29 -8.40 13.67 18.43
N LEU A 30 -7.15 13.87 18.02
CA LEU A 30 -6.01 13.44 18.88
C LEU A 30 -6.09 13.90 20.35
N PRO A 31 -6.30 15.20 20.62
CA PRO A 31 -6.35 15.62 22.02
C PRO A 31 -7.40 14.86 22.81
N LEU A 32 -8.48 14.49 22.13
CA LEU A 32 -9.57 13.79 22.80
C LEU A 32 -9.10 12.39 23.17
N ALA A 33 -8.37 11.73 22.26
CA ALA A 33 -7.76 10.43 22.61
C ALA A 33 -6.71 10.56 23.72
N ASN A 34 -5.88 11.60 23.62
CA ASN A 34 -4.86 11.82 24.63
C ASN A 34 -5.49 11.87 25.99
N ALA A 35 -6.69 12.43 26.07
CA ALA A 35 -7.32 12.60 27.39
C ALA A 35 -7.95 11.33 27.94
N GLU A 36 -8.04 10.28 27.10
CA GLU A 36 -8.69 9.04 27.54
C GLU A 36 -7.73 8.13 28.26
N SER A 37 -7.87 8.09 29.59
CA SER A 37 -6.87 7.42 30.39
C SER A 37 -6.86 5.94 30.11
N GLY A 38 -7.99 5.37 29.72
CA GLY A 38 -8.03 3.95 29.41
C GLY A 38 -7.61 3.53 28.02
N THR A 39 -7.34 4.52 27.14
CA THR A 39 -7.01 4.28 25.75
C THR A 39 -5.48 4.34 25.74
N THR A 40 -4.85 3.17 25.78
CA THR A 40 -3.40 3.10 25.84
C THR A 40 -2.69 3.57 24.57
N ALA A 41 -3.25 3.25 23.40
CA ALA A 41 -2.67 3.66 22.11
C ALA A 41 -3.85 3.96 21.21
N TRP A 42 -3.69 4.90 20.29
CA TRP A 42 -4.76 5.30 19.42
C TRP A 42 -4.11 5.86 18.16
N PHE A 43 -4.50 5.30 17.03
CA PHE A 43 -3.90 5.69 15.76
C PHE A 43 -4.98 6.07 14.76
N ALA A 44 -4.89 7.26 14.18
CA ALA A 44 -5.83 7.66 13.11
C ALA A 44 -5.20 7.30 11.78
N LEU A 45 -5.94 6.57 10.92
CA LEU A 45 -5.37 5.86 9.79
C LEU A 45 -5.90 6.37 8.48
N LYS A 46 -5.05 6.41 7.48
CA LYS A 46 -5.49 6.64 6.10
C LYS A 46 -4.95 5.48 5.26
N PHE A 47 -5.88 4.76 4.61
CA PHE A 47 -5.53 3.59 3.79
C PHE A 47 -5.45 3.92 2.32
N GLY A 48 -6.16 4.96 1.89
CA GLY A 48 -6.39 5.19 0.46
C GLY A 48 -7.18 6.47 0.32
N PRO A 49 -7.48 6.87 -0.92
CA PRO A 49 -8.10 8.14 -1.19
C PRO A 49 -9.34 8.40 -0.30
N SER A 50 -10.18 7.38 -0.13
CA SER A 50 -11.43 7.60 0.58
C SER A 50 -11.61 6.65 1.79
N THR A 51 -10.56 5.92 2.14
CA THR A 51 -10.67 4.90 3.16
C THR A 51 -9.77 5.23 4.35
N PHE A 52 -10.39 5.35 5.52
CA PHE A 52 -9.68 5.79 6.72
C PHE A 52 -9.97 4.76 7.80
N GLY A 53 -9.42 4.99 9.00
CA GLY A 53 -9.68 4.12 10.11
C GLY A 53 -9.13 4.64 11.39
N VAL A 54 -9.32 3.82 12.43
CA VAL A 54 -8.68 3.96 13.71
C VAL A 54 -8.27 2.55 14.15
N PHE A 55 -7.07 2.45 14.71
CA PHE A 55 -6.68 1.32 15.49
C PHE A 55 -6.41 1.83 16.92
N ASP A 56 -7.04 1.22 17.89
CA ASP A 56 -6.75 1.63 19.27
C ASP A 56 -6.70 0.44 20.21
N ALA A 57 -5.99 0.62 21.33
CA ALA A 57 -5.66 -0.51 22.19
C ALA A 57 -5.91 -0.12 23.64
N PHE A 58 -6.22 -1.12 24.46
CA PHE A 58 -6.77 -0.93 25.82
C PHE A 58 -6.26 -2.05 26.73
N ALA A 59 -6.20 -1.78 28.03
CA ALA A 59 -5.83 -2.80 29.01
C ALA A 59 -7.01 -3.73 29.28
N ASP A 60 -8.22 -3.16 29.23
CA ASP A 60 -9.38 -3.97 29.55
C ASP A 60 -10.66 -3.50 28.93
N GLU A 61 -11.71 -4.31 29.11
CA GLU A 61 -13.00 -4.05 28.50
C GLU A 61 -13.52 -2.69 28.97
N ALA A 62 -13.31 -2.34 30.24
CA ALA A 62 -13.82 -1.05 30.73
C ALA A 62 -13.21 0.10 29.91
N GLY A 63 -11.93 0.00 29.57
CA GLY A 63 -11.23 1.05 28.82
C GLY A 63 -11.77 1.06 27.38
N ARG A 64 -11.97 -0.12 26.81
CA ARG A 64 -12.48 -0.19 25.45
C ARG A 64 -13.88 0.45 25.36
N GLN A 65 -14.73 0.14 26.34
CA GLN A 65 -16.12 0.64 26.38
C GLN A 65 -16.18 2.16 26.64
N ALA A 66 -15.28 2.67 27.47
CA ALA A 66 -15.18 4.11 27.73
C ALA A 66 -14.86 4.86 26.44
N HIS A 67 -14.04 4.25 25.60
CA HIS A 67 -13.73 4.82 24.31
C HIS A 67 -14.98 4.81 23.39
N LEU A 68 -15.67 3.68 23.35
CA LEU A 68 -16.84 3.59 22.52
C LEU A 68 -17.88 4.58 22.96
N ASN A 69 -17.89 4.92 24.23
CA ASN A 69 -18.87 5.87 24.74
C ASN A 69 -18.29 7.27 24.97
N GLY A 70 -17.13 7.55 24.37
CA GLY A 70 -16.37 8.74 24.72
C GLY A 70 -16.59 9.89 23.73
N GLN A 71 -15.79 10.95 23.90
CA GLN A 71 -15.94 12.19 23.14
C GLN A 71 -15.69 12.01 21.64
N ILE A 72 -14.77 11.11 21.28
CA ILE A 72 -14.49 10.92 19.83
C ILE A 72 -15.66 10.26 19.14
N ALA A 73 -16.19 9.20 19.76
CA ALA A 73 -17.35 8.48 19.25
C ALA A 73 -18.55 9.42 19.13
N ALA A 74 -18.76 10.26 20.14
CA ALA A 74 -19.85 11.24 20.11
C ALA A 74 -19.65 12.26 18.97
N ALA A 75 -18.42 12.78 18.81
CA ALA A 75 -18.14 13.76 17.75
C ALA A 75 -18.38 13.13 16.36
N LEU A 76 -17.96 11.89 16.19
CA LEU A 76 -18.09 11.26 14.88
C LEU A 76 -19.57 10.98 14.67
N MSE A 77 -20.26 10.55 15.74
CA MSE A 77 -21.70 10.38 15.61
C MSE A 77 -22.43 11.68 15.24
O MSE A 77 -23.37 11.66 14.43
CB MSE A 77 -22.31 9.74 16.88
CG MSE A 77 -23.71 9.24 16.61
SE MSE A 77 -24.40 7.98 17.86
CE MSE A 77 -23.27 8.53 19.34
N ALA A 78 -22.00 12.80 15.83
CA ALA A 78 -22.61 14.10 15.52
C ALA A 78 -22.37 14.51 14.06
N ASN A 79 -21.28 14.03 13.48
CA ASN A 79 -20.95 14.45 12.14
C ASN A 79 -20.92 13.33 11.07
N ALA A 80 -21.46 12.18 11.45
CA ALA A 80 -21.38 10.95 10.61
C ALA A 80 -21.98 11.14 9.25
N ALA A 81 -23.14 11.75 9.19
CA ALA A 81 -23.81 11.96 7.90
C ALA A 81 -23.02 12.91 7.01
N THR A 82 -22.39 13.93 7.59
CA THR A 82 -21.58 14.83 6.80
C THR A 82 -20.38 14.09 6.18
N LEU A 83 -19.72 13.22 6.94
CA LEU A 83 -18.41 12.73 6.53
C LEU A 83 -18.39 11.33 5.90
N LEU A 84 -19.36 10.50 6.27
CA LEU A 84 -19.27 9.07 5.93
C LEU A 84 -20.28 8.57 4.93
N SER A 85 -19.87 7.62 4.10
CA SER A 85 -20.79 7.04 3.11
C SER A 85 -21.49 5.79 3.64
N SER A 86 -21.05 5.33 4.81
CA SER A 86 -21.67 4.18 5.54
C SER A 86 -21.28 4.21 7.02
N PRO A 87 -22.01 3.46 7.88
CA PRO A 87 -21.60 3.53 9.31
C PRO A 87 -20.17 3.00 9.52
N PRO A 88 -19.46 3.47 10.55
CA PRO A 88 -18.17 2.86 10.87
C PRO A 88 -18.23 1.34 10.91
N ASN A 89 -17.22 0.69 10.34
CA ASN A 89 -17.11 -0.77 10.44
C ASN A 89 -16.15 -1.13 11.58
N ILE A 90 -16.68 -1.59 12.72
CA ILE A 90 -15.90 -1.75 13.95
C ILE A 90 -15.71 -3.23 14.25
N GLU A 91 -14.43 -3.63 14.29
CA GLU A 91 -14.03 -4.99 14.67
C GLU A 91 -13.37 -5.03 16.03
N LYS A 92 -13.91 -5.86 16.90
CA LYS A 92 -13.28 -6.14 18.19
C LYS A 92 -12.12 -7.10 17.97
N VAL A 93 -10.99 -6.76 18.54
CA VAL A 93 -9.74 -7.47 18.31
C VAL A 93 -9.11 -7.89 19.65
N GLU A 94 -8.55 -9.11 19.70
CA GLU A 94 -7.76 -9.52 20.86
C GLU A 94 -6.31 -9.38 20.51
N LEU A 95 -5.49 -8.96 21.46
CA LEU A 95 -4.06 -8.84 21.23
C LEU A 95 -3.34 -10.06 21.79
N LEU A 96 -2.61 -10.75 20.92
CA LEU A 96 -1.81 -11.90 21.28
C LEU A 96 -0.52 -11.40 21.92
N ALA A 97 -0.07 -10.21 21.51
CA ALA A 97 1.19 -9.61 21.98
C ALA A 97 1.19 -8.18 21.53
N ALA A 98 1.93 -7.33 22.23
CA ALA A 98 1.99 -5.89 21.89
C ALA A 98 3.29 -5.27 22.41
N LYS A 99 3.94 -4.49 21.56
CA LYS A 99 5.04 -3.65 21.94
C LYS A 99 4.54 -2.21 21.94
N LEU A 100 4.73 -1.52 23.05
CA LEU A 100 4.44 -0.08 23.05
C LEU A 100 5.66 0.59 23.68
N PRO A 101 5.88 1.88 23.40
CA PRO A 101 6.87 2.54 24.28
C PRO A 101 6.46 2.42 25.78
N ALA A 102 7.42 2.33 26.72
CA ALA A 102 7.08 2.16 28.14
C ALA A 102 6.24 3.32 28.75
N GLY A 103 5.26 2.97 29.58
CA GLY A 103 4.49 3.97 30.34
C GLY A 103 2.99 3.93 30.12
N MSE B 3 -12.08 4.10 -18.80
CA MSE B 3 -12.49 2.74 -18.32
C MSE B 3 -11.52 2.14 -17.33
O MSE B 3 -11.95 1.50 -16.38
CB MSE B 3 -12.72 1.78 -19.47
CG MSE B 3 -13.73 2.28 -20.45
SE MSE B 3 -15.32 2.93 -19.52
CE MSE B 3 -16.57 1.50 -20.02
N THR B 4 -10.23 2.33 -17.56
CA THR B 4 -9.15 1.91 -16.66
C THR B 4 -8.85 3.00 -15.63
N LYS B 5 -9.15 2.72 -14.37
CA LYS B 5 -9.30 3.72 -13.34
C LYS B 5 -8.39 3.47 -12.14
N LEU B 6 -7.97 2.22 -11.97
CA LEU B 6 -7.23 1.85 -10.75
C LEU B 6 -6.02 1.03 -11.14
N ALA B 7 -5.01 1.04 -10.26
CA ALA B 7 -3.77 0.28 -10.55
C ALA B 7 -3.06 -0.21 -9.28
N LEU B 8 -2.05 -1.06 -9.48
CA LEU B 8 -1.15 -1.46 -8.43
C LEU B 8 0.29 -1.29 -8.94
N PHE B 9 1.17 -0.87 -8.05
CA PHE B 9 2.55 -0.80 -8.38
C PHE B 9 3.24 -1.62 -7.29
N VAL B 10 3.94 -2.67 -7.69
CA VAL B 10 4.53 -3.59 -6.72
C VAL B 10 6.03 -3.64 -6.99
N ARG B 11 6.86 -3.37 -5.98
CA ARG B 11 8.30 -3.55 -6.14
C ARG B 11 8.76 -4.84 -5.47
N LEU B 12 9.70 -5.54 -6.11
CA LEU B 12 10.05 -6.89 -5.67
C LEU B 12 11.54 -6.98 -5.62
N GLU B 13 12.09 -7.39 -4.47
CA GLU B 13 13.52 -7.44 -4.33
CA GLU B 13 13.54 -7.43 -4.34
C GLU B 13 13.99 -8.89 -4.23
N ALA B 14 14.87 -9.29 -5.14
CA ALA B 14 15.35 -10.66 -5.21
C ALA B 14 16.38 -10.97 -4.13
N LYS B 15 16.30 -12.15 -3.52
CA LYS B 15 17.40 -12.64 -2.67
C LYS B 15 18.64 -12.83 -3.54
N PRO B 16 19.85 -12.53 -3.00
CA PRO B 16 21.07 -12.80 -3.75
C PRO B 16 21.12 -14.23 -4.29
N GLY B 17 21.49 -14.39 -5.58
CA GLY B 17 21.44 -15.69 -6.23
C GLY B 17 20.08 -16.06 -6.82
N GLN B 18 19.03 -15.27 -6.52
CA GLN B 18 17.67 -15.58 -7.03
C GLN B 18 17.19 -14.60 -8.11
N GLU B 19 18.11 -13.82 -8.65
CA GLU B 19 17.77 -12.80 -9.64
C GLU B 19 17.18 -13.43 -10.92
N ALA B 20 17.83 -14.47 -11.44
CA ALA B 20 17.32 -15.15 -12.64
C ALA B 20 15.99 -15.80 -12.29
N ALA B 21 15.91 -16.32 -11.07
CA ALA B 21 14.72 -17.05 -10.63
C ALA B 21 13.51 -16.12 -10.58
N LEU B 22 13.73 -14.91 -10.06
CA LEU B 22 12.60 -13.97 -9.94
C LEU B 22 12.22 -13.48 -11.31
N ALA B 23 13.20 -13.24 -12.18
CA ALA B 23 12.86 -12.83 -13.56
C ALA B 23 12.05 -13.90 -14.26
N ASP B 24 12.46 -15.16 -14.14
CA ASP B 24 11.73 -16.28 -14.72
C ASP B 24 10.30 -16.35 -14.18
N PHE B 25 10.16 -16.18 -12.86
CA PHE B 25 8.88 -16.25 -12.17
C PHE B 25 7.94 -15.25 -12.78
N LEU B 26 8.40 -14.01 -12.88
CA LEU B 26 7.58 -12.94 -13.45
C LEU B 26 7.22 -13.16 -14.94
N ALA B 27 8.16 -13.57 -15.76
CA ALA B 27 7.82 -13.81 -17.18
C ALA B 27 6.83 -14.98 -17.31
N SER B 28 6.94 -15.97 -16.43
CA SER B 28 6.04 -17.11 -16.41
CA SER B 28 6.05 -17.12 -16.40
C SER B 28 4.62 -16.81 -15.92
N ALA B 29 4.46 -15.68 -15.25
CA ALA B 29 3.17 -15.26 -14.70
C ALA B 29 2.30 -14.67 -15.82
N LEU B 30 2.92 -14.38 -16.95
CA LEU B 30 2.17 -13.70 -18.02
C LEU B 30 0.84 -14.38 -18.40
N PRO B 31 0.84 -15.72 -18.61
CA PRO B 31 -0.43 -16.42 -18.86
C PRO B 31 -1.41 -16.25 -17.76
N LEU B 32 -0.95 -16.22 -16.52
CA LEU B 32 -1.89 -16.00 -15.43
C LEU B 32 -2.53 -14.65 -15.52
N ALA B 33 -1.72 -13.62 -15.80
CA ALA B 33 -2.26 -12.27 -15.99
C ALA B 33 -3.25 -12.17 -17.20
N ASN B 34 -2.88 -12.79 -18.30
CA ASN B 34 -3.71 -12.77 -19.54
C ASN B 34 -5.09 -13.34 -19.22
N ALA B 35 -5.15 -14.31 -18.31
CA ALA B 35 -6.43 -14.99 -17.99
C ALA B 35 -7.29 -14.16 -17.04
N GLU B 36 -6.73 -13.11 -16.45
CA GLU B 36 -7.49 -12.38 -15.44
C GLU B 36 -8.34 -11.37 -16.18
N SER B 37 -9.66 -11.63 -16.31
CA SER B 37 -10.51 -10.76 -17.13
C SER B 37 -10.58 -9.31 -16.62
N GLY B 38 -10.47 -9.09 -15.32
CA GLY B 38 -10.52 -7.76 -14.73
C GLY B 38 -9.18 -7.05 -14.73
N THR B 39 -8.15 -7.72 -15.24
CA THR B 39 -6.82 -7.10 -15.28
C THR B 39 -6.56 -6.54 -16.65
N THR B 40 -6.76 -5.22 -16.82
CA THR B 40 -6.74 -4.65 -18.16
C THR B 40 -5.39 -4.62 -18.82
N ALA B 41 -4.35 -4.33 -18.01
CA ALA B 41 -2.97 -4.34 -18.45
C ALA B 41 -2.07 -4.82 -17.31
N TRP B 42 -0.93 -5.39 -17.67
CA TRP B 42 -0.06 -5.99 -16.67
C TRP B 42 1.35 -6.01 -17.24
N PHE B 43 2.30 -5.51 -16.48
CA PHE B 43 3.69 -5.39 -16.90
C PHE B 43 4.61 -5.98 -15.85
N ALA B 44 5.43 -6.94 -16.26
CA ALA B 44 6.48 -7.52 -15.40
C ALA B 44 7.75 -6.63 -15.63
N LEU B 45 8.28 -6.06 -14.55
CA LEU B 45 9.30 -5.00 -14.65
C LEU B 45 10.64 -5.46 -14.13
N LYS B 46 11.72 -5.02 -14.79
CA LYS B 46 13.07 -5.11 -14.23
C LYS B 46 13.70 -3.71 -14.14
N PHE B 47 14.00 -3.30 -12.93
CA PHE B 47 14.58 -1.99 -12.67
C PHE B 47 16.08 -2.09 -12.61
N GLY B 48 16.58 -3.25 -12.22
CA GLY B 48 17.99 -3.35 -11.88
C GLY B 48 18.31 -4.81 -11.68
N PRO B 49 19.58 -5.12 -11.41
CA PRO B 49 19.91 -6.55 -11.34
C PRO B 49 19.14 -7.32 -10.28
N SER B 50 18.73 -6.68 -9.19
CA SER B 50 17.99 -7.44 -8.18
C SER B 50 16.66 -6.81 -7.84
N THR B 51 16.23 -5.80 -8.62
CA THR B 51 15.04 -5.08 -8.29
C THR B 51 14.05 -5.27 -9.47
N PHE B 52 12.88 -5.78 -9.13
CA PHE B 52 11.88 -6.10 -10.13
C PHE B 52 10.53 -5.52 -9.69
N GLY B 53 9.49 -5.80 -10.45
CA GLY B 53 8.17 -5.34 -10.02
C GLY B 53 7.07 -5.65 -11.00
N VAL B 54 5.89 -5.12 -10.73
CA VAL B 54 4.77 -5.28 -11.62
C VAL B 54 4.00 -3.99 -11.57
N PHE B 55 3.52 -3.57 -12.74
CA PHE B 55 2.55 -2.51 -12.79
C PHE B 55 1.32 -3.08 -13.46
N ASP B 56 0.15 -2.87 -12.89
CA ASP B 56 -1.05 -3.37 -13.53
C ASP B 56 -2.26 -2.51 -13.29
N ALA B 57 -3.25 -2.65 -14.16
CA ALA B 57 -4.33 -1.68 -14.23
C ALA B 57 -5.69 -2.38 -14.35
N PHE B 58 -6.74 -1.75 -13.79
CA PHE B 58 -8.03 -2.42 -13.65
C PHE B 58 -9.12 -1.41 -13.91
N ALA B 59 -10.30 -1.92 -14.27
CA ALA B 59 -11.47 -1.07 -14.51
C ALA B 59 -12.05 -0.64 -13.20
N ASP B 60 -11.95 -1.49 -12.19
CA ASP B 60 -12.65 -1.21 -10.92
C ASP B 60 -12.05 -1.99 -9.78
N GLU B 61 -12.56 -1.71 -8.58
CA GLU B 61 -12.03 -2.34 -7.37
C GLU B 61 -12.18 -3.84 -7.36
N ALA B 62 -13.28 -4.37 -7.90
CA ALA B 62 -13.43 -5.83 -7.92
C ALA B 62 -12.26 -6.44 -8.70
N GLY B 63 -11.90 -5.80 -9.82
CA GLY B 63 -10.83 -6.29 -10.68
C GLY B 63 -9.49 -6.27 -9.94
N ARG B 64 -9.21 -5.15 -9.29
CA ARG B 64 -8.01 -5.04 -8.45
C ARG B 64 -7.96 -6.11 -7.34
N GLN B 65 -9.06 -6.26 -6.61
CA GLN B 65 -9.10 -7.26 -5.54
C GLN B 65 -8.94 -8.68 -6.12
N ALA B 66 -9.56 -8.91 -7.28
CA ALA B 66 -9.44 -10.23 -7.87
C ALA B 66 -7.99 -10.60 -8.14
N HIS B 67 -7.21 -9.60 -8.55
CA HIS B 67 -5.77 -9.79 -8.77
C HIS B 67 -5.01 -10.04 -7.44
N LEU B 68 -5.32 -9.24 -6.43
CA LEU B 68 -4.62 -9.35 -5.13
C LEU B 68 -4.86 -10.73 -4.54
N ASN B 69 -5.98 -11.31 -4.91
CA ASN B 69 -6.39 -12.61 -4.34
C ASN B 69 -6.20 -13.78 -5.30
N GLY B 70 -5.60 -13.53 -6.47
CA GLY B 70 -5.62 -14.53 -7.56
C GLY B 70 -4.37 -15.38 -7.70
N GLN B 71 -4.21 -16.02 -8.86
CA GLN B 71 -3.17 -17.03 -9.09
C GLN B 71 -1.72 -16.51 -8.97
N ILE B 72 -1.46 -15.28 -9.38
CA ILE B 72 -0.09 -14.76 -9.30
C ILE B 72 0.26 -14.48 -7.83
N ALA B 73 -0.71 -13.90 -7.10
CA ALA B 73 -0.51 -13.63 -5.66
C ALA B 73 -0.23 -14.97 -4.94
N ALA B 74 -1.02 -15.98 -5.28
CA ALA B 74 -0.83 -17.31 -4.70
C ALA B 74 0.53 -17.88 -5.08
N ALA B 75 0.92 -17.78 -6.34
CA ALA B 75 2.24 -18.32 -6.77
C ALA B 75 3.38 -17.61 -6.07
N LEU B 76 3.23 -16.31 -5.87
CA LEU B 76 4.25 -15.51 -5.23
C LEU B 76 4.39 -15.87 -3.75
N MSE B 77 3.27 -16.08 -3.08
CA MSE B 77 3.34 -16.60 -1.71
C MSE B 77 4.06 -17.95 -1.66
O MSE B 77 4.86 -18.19 -0.76
CB MSE B 77 1.97 -16.71 -1.06
CG MSE B 77 2.14 -17.16 0.39
SE MSE B 77 0.61 -17.06 1.49
CE MSE B 77 -0.44 -18.45 0.77
N ALA B 78 3.76 -18.83 -2.60
CA ALA B 78 4.37 -20.17 -2.61
C ALA B 78 5.90 -20.12 -2.77
N ASN B 79 6.40 -19.05 -3.39
CA ASN B 79 7.82 -18.90 -3.72
C ASN B 79 8.57 -17.83 -2.94
N ALA B 80 7.84 -17.04 -2.15
CA ALA B 80 8.42 -15.81 -1.61
C ALA B 80 9.56 -16.08 -0.62
N ALA B 81 9.40 -17.15 0.19
CA ALA B 81 10.44 -17.65 1.12
C ALA B 81 11.83 -17.74 0.46
N THR B 82 11.84 -18.19 -0.80
CA THR B 82 13.10 -18.45 -1.48
C THR B 82 13.49 -17.40 -2.51
N LEU B 83 12.50 -16.64 -3.01
CA LEU B 83 12.76 -15.65 -4.03
C LEU B 83 13.16 -14.26 -3.53
N LEU B 84 12.53 -13.80 -2.47
CA LEU B 84 12.52 -12.36 -2.13
C LEU B 84 13.28 -12.05 -0.86
N SER B 85 13.90 -10.87 -0.79
CA SER B 85 14.59 -10.38 0.43
C SER B 85 13.70 -9.58 1.40
N SER B 86 12.51 -9.21 0.98
CA SER B 86 11.52 -8.55 1.82
C SER B 86 10.16 -8.81 1.17
N PRO B 87 9.04 -8.65 1.91
CA PRO B 87 7.73 -8.79 1.25
C PRO B 87 7.48 -7.84 0.08
N PRO B 88 6.60 -8.25 -0.84
CA PRO B 88 6.25 -7.35 -1.93
C PRO B 88 5.82 -6.00 -1.37
N ASN B 89 6.42 -4.93 -1.88
CA ASN B 89 6.02 -3.57 -1.56
C ASN B 89 4.90 -3.17 -2.49
N ILE B 90 3.67 -3.21 -1.99
CA ILE B 90 2.51 -3.01 -2.86
C ILE B 90 1.95 -1.65 -2.62
N GLU B 91 1.79 -0.87 -3.69
CA GLU B 91 1.13 0.43 -3.55
C GLU B 91 -0.15 0.47 -4.37
N LYS B 92 -1.25 0.87 -3.72
CA LYS B 92 -2.50 1.08 -4.45
C LYS B 92 -2.46 2.45 -5.13
N VAL B 93 -2.88 2.49 -6.40
CA VAL B 93 -2.75 3.70 -7.21
C VAL B 93 -4.09 4.00 -7.87
N GLU B 94 -4.45 5.29 -7.89
CA GLU B 94 -5.51 5.85 -8.73
C GLU B 94 -4.96 6.28 -10.08
N LEU B 95 -5.67 5.96 -11.16
CA LEU B 95 -5.20 6.38 -12.47
C LEU B 95 -5.85 7.73 -12.74
N LEU B 96 -5.07 8.79 -12.89
CA LEU B 96 -5.65 10.05 -13.36
C LEU B 96 -5.99 10.09 -14.87
N ALA B 97 -5.32 9.23 -15.66
CA ALA B 97 -5.56 9.15 -17.11
C ALA B 97 -4.76 7.94 -17.56
N ALA B 98 -5.10 7.36 -18.72
CA ALA B 98 -4.45 6.12 -19.21
C ALA B 98 -4.60 6.06 -20.73
N LYS B 99 -3.50 5.73 -21.42
CA LYS B 99 -3.49 5.45 -22.84
C LYS B 99 -3.21 3.97 -22.92
N LEU B 100 -4.06 3.26 -23.68
CA LEU B 100 -3.83 1.83 -24.03
C LEU B 100 -3.97 1.63 -25.54
N PRO B 101 -3.31 0.59 -26.13
CA PRO B 101 -3.63 0.33 -27.54
C PRO B 101 -5.09 -0.09 -27.72
N ALA B 102 -5.67 0.27 -28.86
CA ALA B 102 -7.12 0.03 -29.14
C ALA B 102 -7.83 -0.93 -28.17
N MSE C 3 6.49 12.06 16.83
CA MSE C 3 5.26 11.26 16.60
C MSE C 3 5.53 10.19 15.53
O MSE C 3 6.43 10.32 14.68
CB MSE C 3 4.03 12.15 16.24
CG MSE C 3 2.60 11.41 16.24
SE MSE C 3 0.90 12.56 16.26
CE MSE C 3 1.15 13.33 18.06
N THR C 4 4.80 9.09 15.64
CA THR C 4 4.81 8.08 14.61
C THR C 4 3.92 8.58 13.47
N LYS C 5 4.38 8.36 12.22
CA LYS C 5 3.76 8.94 11.01
C LYS C 5 3.32 7.90 9.98
N LEU C 6 3.83 6.67 10.13
CA LEU C 6 3.63 5.64 9.13
C LEU C 6 3.34 4.30 9.78
N ALA C 7 2.60 3.46 9.06
CA ALA C 7 2.16 2.19 9.62
C ALA C 7 2.00 1.10 8.56
N LEU C 8 1.80 -0.13 9.02
CA LEU C 8 1.50 -1.24 8.15
C LEU C 8 0.38 -2.03 8.79
N PHE C 9 -0.48 -2.61 7.96
CA PHE C 9 -1.55 -3.50 8.47
C PHE C 9 -1.64 -4.73 7.55
N VAL C 10 -1.69 -5.93 8.13
CA VAL C 10 -1.85 -7.11 7.33
C VAL C 10 -2.86 -8.03 8.01
N ARG C 11 -3.79 -8.57 7.24
CA ARG C 11 -4.72 -9.56 7.80
C ARG C 11 -4.22 -10.92 7.33
N LEU C 12 -4.25 -11.91 8.22
CA LEU C 12 -3.63 -13.27 7.95
C LEU C 12 -4.64 -14.37 8.23
N GLU C 13 -4.88 -15.27 7.25
CA GLU C 13 -5.87 -16.32 7.41
C GLU C 13 -5.09 -17.60 7.55
N ALA C 14 -5.30 -18.29 8.68
CA ALA C 14 -4.63 -19.57 8.95
C ALA C 14 -5.20 -20.77 8.17
N LYS C 15 -4.30 -21.61 7.69
CA LYS C 15 -4.73 -22.91 7.14
C LYS C 15 -5.40 -23.79 8.16
N PRO C 16 -6.38 -24.61 7.74
CA PRO C 16 -6.95 -25.58 8.70
C PRO C 16 -5.86 -26.41 9.41
N GLY C 17 -5.88 -26.44 10.73
CA GLY C 17 -4.83 -27.16 11.48
C GLY C 17 -3.60 -26.37 11.89
N GLN C 18 -3.45 -25.16 11.32
CA GLN C 18 -2.31 -24.26 11.61
C GLN C 18 -2.72 -23.02 12.41
N GLU C 19 -3.91 -23.03 12.97
CA GLU C 19 -4.39 -21.85 13.73
C GLU C 19 -3.54 -21.61 15.00
N ALA C 20 -3.32 -22.66 15.79
CA ALA C 20 -2.43 -22.56 16.94
C ALA C 20 -1.03 -22.16 16.52
N ALA C 21 -0.53 -22.80 15.45
CA ALA C 21 0.80 -22.55 14.98
C ALA C 21 0.94 -21.09 14.58
N LEU C 22 -0.08 -20.50 13.94
CA LEU C 22 0.06 -19.11 13.53
C LEU C 22 0.00 -18.14 14.73
N ALA C 23 -0.93 -18.41 15.65
CA ALA C 23 -1.08 -17.60 16.88
C ALA C 23 0.23 -17.66 17.67
N ASP C 24 0.81 -18.87 17.77
CA ASP C 24 2.06 -19.05 18.54
C ASP C 24 3.22 -18.33 17.84
N PHE C 25 3.24 -18.42 16.51
CA PHE C 25 4.25 -17.71 15.72
C PHE C 25 4.16 -16.22 15.98
N LEU C 26 2.97 -15.66 15.91
CA LEU C 26 2.85 -14.21 16.08
C LEU C 26 3.23 -13.78 17.48
N ALA C 27 2.77 -14.53 18.48
CA ALA C 27 3.10 -14.18 19.85
C ALA C 27 4.61 -14.28 20.04
N SER C 28 5.24 -15.30 19.43
CA SER C 28 6.69 -15.51 19.61
C SER C 28 7.58 -14.38 19.02
N ALA C 29 7.00 -13.57 18.12
CA ALA C 29 7.73 -12.53 17.41
C ALA C 29 7.91 -11.26 18.24
N LEU C 30 7.26 -11.18 19.40
CA LEU C 30 7.34 -9.96 20.22
C LEU C 30 8.77 -9.55 20.53
N PRO C 31 9.64 -10.49 20.97
CA PRO C 31 11.03 -10.07 21.21
C PRO C 31 11.76 -9.49 19.97
N LEU C 32 11.44 -10.02 18.79
CA LEU C 32 11.93 -9.52 17.52
C LEU C 32 11.44 -8.10 17.31
N ALA C 33 10.17 -7.82 17.65
CA ALA C 33 9.68 -6.44 17.54
C ALA C 33 10.32 -5.48 18.57
N ASN C 34 10.56 -5.98 19.80
CA ASN C 34 11.24 -5.15 20.80
C ASN C 34 12.64 -4.77 20.33
N ALA C 35 13.33 -5.69 19.63
CA ALA C 35 14.66 -5.44 19.10
C ALA C 35 14.76 -4.36 18.03
N GLU C 36 13.66 -4.13 17.31
CA GLU C 36 13.58 -3.11 16.25
C GLU C 36 13.30 -1.74 16.83
N SER C 37 14.37 -0.96 17.01
CA SER C 37 14.23 0.35 17.61
C SER C 37 13.35 1.27 16.76
N GLY C 38 13.42 1.13 15.44
CA GLY C 38 12.57 1.98 14.57
C GLY C 38 11.11 1.53 14.51
N THR C 39 10.81 0.36 15.08
CA THR C 39 9.41 -0.09 15.18
C THR C 39 8.78 0.41 16.47
N THR C 40 8.06 1.52 16.38
CA THR C 40 7.61 2.22 17.58
C THR C 40 6.54 1.44 18.35
N ALA C 41 5.60 0.87 17.61
CA ALA C 41 4.57 0.08 18.23
C ALA C 41 4.33 -1.14 17.32
N TRP C 42 3.96 -2.27 17.90
CA TRP C 42 3.72 -3.49 17.11
C TRP C 42 2.68 -4.32 17.84
N PHE C 43 1.64 -4.79 17.13
CA PHE C 43 0.54 -5.50 17.76
C PHE C 43 0.28 -6.76 16.97
N ALA C 44 0.25 -7.91 17.65
CA ALA C 44 -0.20 -9.17 17.02
C ALA C 44 -1.66 -9.32 17.32
N LEU C 45 -2.49 -9.44 16.27
CA LEU C 45 -3.95 -9.36 16.39
C LEU C 45 -4.57 -10.72 16.17
N LYS C 46 -5.67 -10.96 16.89
CA LYS C 46 -6.55 -12.07 16.66
C LYS C 46 -7.95 -11.55 16.49
N PHE C 47 -8.50 -11.73 15.28
CA PHE C 47 -9.88 -11.35 14.97
C PHE C 47 -10.83 -12.50 15.22
N GLY C 48 -10.35 -13.72 15.02
CA GLY C 48 -11.19 -14.91 15.15
C GLY C 48 -10.33 -16.16 15.18
N PRO C 49 -10.96 -17.34 15.29
CA PRO C 49 -10.18 -18.58 15.40
C PRO C 49 -9.21 -18.80 14.27
N SER C 50 -9.49 -18.35 13.05
CA SER C 50 -8.51 -18.57 11.97
C SER C 50 -8.04 -17.30 11.28
N THR C 51 -8.33 -16.15 11.89
CA THR C 51 -8.06 -14.87 11.23
C THR C 51 -7.26 -14.04 12.23
N PHE C 52 -6.09 -13.61 11.77
CA PHE C 52 -5.14 -12.96 12.62
C PHE C 52 -4.63 -11.74 11.88
N GLY C 53 -3.64 -11.03 12.44
CA GLY C 53 -3.08 -9.87 11.76
C GLY C 53 -1.97 -9.19 12.55
N VAL C 54 -1.38 -8.15 11.96
CA VAL C 54 -0.36 -7.36 12.62
C VAL C 54 -0.67 -5.91 12.23
N PHE C 55 -0.56 -5.04 13.22
CA PHE C 55 -0.51 -3.59 13.01
C PHE C 55 0.78 -3.09 13.61
N ASP C 56 1.50 -2.27 12.86
CA ASP C 56 2.65 -1.63 13.46
C ASP C 56 2.90 -0.22 12.97
N ALA C 57 3.70 0.52 13.72
CA ALA C 57 3.81 1.95 13.54
C ALA C 57 5.28 2.35 13.61
N PHE C 58 5.62 3.40 12.87
CA PHE C 58 7.01 3.81 12.64
C PHE C 58 7.14 5.33 12.67
N ALA C 59 8.30 5.84 13.04
CA ALA C 59 8.52 7.29 12.95
C ALA C 59 8.62 7.76 11.51
N ASP C 60 9.26 6.95 10.66
CA ASP C 60 9.56 7.39 9.32
C ASP C 60 9.77 6.20 8.41
N GLU C 61 10.00 6.48 7.13
CA GLU C 61 10.03 5.42 6.11
C GLU C 61 11.21 4.50 6.36
N ALA C 62 12.29 5.05 6.91
CA ALA C 62 13.45 4.21 7.20
C ALA C 62 13.06 3.12 8.22
N GLY C 63 12.31 3.50 9.25
CA GLY C 63 11.79 2.54 10.21
C GLY C 63 10.85 1.52 9.56
N ARG C 64 9.97 1.99 8.70
CA ARG C 64 9.06 1.06 8.07
C ARG C 64 9.81 0.05 7.17
N GLN C 65 10.78 0.53 6.40
CA GLN C 65 11.53 -0.34 5.52
C GLN C 65 12.42 -1.31 6.30
N ALA C 66 12.95 -0.83 7.42
CA ALA C 66 13.79 -1.69 8.26
C ALA C 66 12.99 -2.83 8.81
N HIS C 67 11.72 -2.58 9.15
CA HIS C 67 10.84 -3.64 9.57
C HIS C 67 10.59 -4.64 8.42
N LEU C 68 10.32 -4.12 7.22
CA LEU C 68 10.00 -5.01 6.06
C LEU C 68 11.23 -5.80 5.65
N ASN C 69 12.40 -5.25 5.92
CA ASN C 69 13.68 -5.94 5.66
C ASN C 69 14.17 -6.72 6.88
N GLY C 70 13.35 -6.81 7.92
CA GLY C 70 13.81 -7.33 9.21
C GLY C 70 13.37 -8.76 9.50
N GLN C 71 13.53 -9.15 10.77
CA GLN C 71 13.49 -10.56 11.16
C GLN C 71 12.09 -11.11 11.18
N ILE C 72 11.12 -10.26 11.51
CA ILE C 72 9.74 -10.74 11.66
C ILE C 72 9.16 -10.96 10.28
N ALA C 73 9.33 -9.97 9.42
CA ALA C 73 8.86 -10.12 8.04
C ALA C 73 9.55 -11.31 7.35
N ALA C 74 10.84 -11.52 7.61
CA ALA C 74 11.57 -12.65 7.09
C ALA C 74 10.95 -13.97 7.55
N ALA C 75 10.66 -14.03 8.84
CA ALA C 75 10.22 -15.28 9.47
C ALA C 75 8.82 -15.58 8.94
N LEU C 76 7.99 -14.55 8.83
CA LEU C 76 6.67 -14.74 8.26
C LEU C 76 6.68 -15.21 6.80
N MSE C 77 7.50 -14.59 5.97
CA MSE C 77 7.65 -15.07 4.61
C MSE C 77 8.10 -16.51 4.54
O MSE C 77 7.57 -17.27 3.74
CB MSE C 77 8.60 -14.18 3.80
CG MSE C 77 7.89 -13.09 3.03
SE MSE C 77 9.16 -12.34 1.79
CE MSE C 77 10.60 -11.86 3.01
N ALA C 78 9.03 -16.91 5.44
CA ALA C 78 9.58 -18.27 5.42
C ALA C 78 8.50 -19.30 5.78
N ASN C 79 7.49 -18.88 6.56
CA ASN C 79 6.43 -19.77 7.00
C ASN C 79 5.05 -19.55 6.39
N ALA C 80 4.93 -18.55 5.53
CA ALA C 80 3.64 -18.15 5.00
C ALA C 80 2.96 -19.31 4.27
N ALA C 81 3.70 -20.05 3.45
CA ALA C 81 3.09 -21.08 2.62
C ALA C 81 2.61 -22.23 3.50
N THR C 82 3.27 -22.42 4.65
CA THR C 82 2.86 -23.43 5.61
C THR C 82 1.65 -22.99 6.41
N LEU C 83 1.68 -21.75 6.86
CA LEU C 83 0.67 -21.25 7.80
C LEU C 83 -0.65 -20.71 7.23
N LEU C 84 -0.60 -20.09 6.04
CA LEU C 84 -1.69 -19.22 5.57
C LEU C 84 -2.46 -19.84 4.44
N SER C 85 -3.78 -19.62 4.42
CA SER C 85 -4.65 -20.24 3.43
C SER C 85 -4.87 -19.37 2.17
N SER C 86 -4.47 -18.11 2.27
CA SER C 86 -4.58 -17.13 1.20
CA SER C 86 -4.58 -17.13 1.20
C SER C 86 -3.40 -16.14 1.26
N PRO C 87 -3.00 -15.55 0.11
CA PRO C 87 -1.87 -14.64 0.17
C PRO C 87 -2.30 -13.34 0.83
N PRO C 88 -1.55 -12.90 1.84
CA PRO C 88 -1.96 -11.66 2.51
C PRO C 88 -1.51 -10.42 1.75
N ASN C 89 -2.34 -9.39 1.76
CA ASN C 89 -1.99 -8.06 1.24
C ASN C 89 -1.44 -7.21 2.40
N ILE C 90 -0.16 -6.83 2.34
CA ILE C 90 0.38 -5.93 3.36
C ILE C 90 -0.01 -4.51 2.95
N GLU C 91 -0.88 -3.89 3.73
CA GLU C 91 -1.38 -2.54 3.43
C GLU C 91 -0.47 -1.46 4.02
N LYS C 92 -0.01 -0.54 3.18
CA LYS C 92 0.66 0.65 3.70
C LYS C 92 -0.37 1.65 4.26
N VAL C 93 -0.06 2.23 5.41
CA VAL C 93 -0.96 3.14 6.09
C VAL C 93 -0.23 4.41 6.47
N GLU C 94 -0.87 5.56 6.19
CA GLU C 94 -0.43 6.87 6.66
CA GLU C 94 -0.40 6.84 6.68
C GLU C 94 -1.10 7.11 8.00
N LEU C 95 -0.33 7.55 9.00
CA LEU C 95 -0.91 7.89 10.30
C LEU C 95 -1.21 9.35 10.30
N LEU C 96 -2.45 9.69 10.51
CA LEU C 96 -2.88 11.07 10.55
C LEU C 96 -2.60 11.69 11.89
N ALA C 97 -2.52 10.86 12.94
CA ALA C 97 -2.24 11.26 14.31
C ALA C 97 -2.04 9.94 15.09
N ALA C 98 -1.33 10.00 16.22
CA ALA C 98 -1.11 8.83 17.04
C ALA C 98 -0.91 9.26 18.46
N LYS C 99 -1.51 8.49 19.36
CA LYS C 99 -1.26 8.53 20.76
C LYS C 99 -0.51 7.24 21.14
N LEU C 100 0.66 7.45 21.72
CA LEU C 100 1.44 6.38 22.33
C LEU C 100 1.94 6.84 23.71
N PRO C 101 2.19 5.89 24.62
CA PRO C 101 2.91 6.24 25.87
C PRO C 101 4.27 6.88 25.50
N ALA C 102 4.86 7.70 26.35
CA ALA C 102 6.08 8.42 25.90
C ALA C 102 7.39 7.59 25.96
N GLY C 103 7.39 6.50 26.74
CA GLY C 103 8.48 5.51 26.66
C GLY C 103 9.44 5.57 27.82
N MSE D 3 5.86 -6.02 -30.21
CA MSE D 3 6.08 -6.35 -28.78
C MSE D 3 6.61 -5.16 -27.99
O MSE D 3 7.47 -4.40 -28.48
CB MSE D 3 7.06 -7.52 -28.66
CG MSE D 3 6.83 -8.38 -27.45
SE MSE D 3 7.09 -10.24 -27.95
CE MSE D 3 5.63 -10.47 -29.28
N THR D 4 6.08 -5.01 -26.77
CA THR D 4 6.36 -3.95 -25.82
C THR D 4 7.49 -4.41 -24.86
N LYS D 5 8.65 -3.75 -24.94
CA LYS D 5 9.90 -4.27 -24.39
CA LYS D 5 9.88 -4.28 -24.34
C LYS D 5 10.58 -3.38 -23.33
N LEU D 6 10.21 -2.10 -23.27
CA LEU D 6 10.92 -1.16 -22.39
C LEU D 6 9.89 -0.22 -21.80
N ALA D 7 10.25 0.42 -20.70
CA ALA D 7 9.32 1.27 -19.96
C ALA D 7 10.10 2.32 -19.17
N LEU D 8 9.37 3.29 -18.64
CA LEU D 8 9.92 4.26 -17.72
C LEU D 8 8.92 4.32 -16.59
N PHE D 9 9.45 4.51 -15.41
CA PHE D 9 8.62 4.78 -14.25
C PHE D 9 9.17 6.02 -13.56
N VAL D 10 8.29 6.98 -13.23
CA VAL D 10 8.77 8.15 -12.50
C VAL D 10 7.84 8.45 -11.34
N ARG D 11 8.39 8.63 -10.14
CA ARG D 11 7.58 9.10 -9.01
C ARG D 11 7.79 10.60 -8.86
N LEU D 12 6.69 11.30 -8.63
CA LEU D 12 6.68 12.73 -8.65
C LEU D 12 6.05 13.21 -7.36
N GLU D 13 6.80 14.01 -6.60
CA GLU D 13 6.28 14.59 -5.36
CA GLU D 13 6.32 14.59 -5.35
C GLU D 13 5.90 16.06 -5.52
N ALA D 14 4.64 16.36 -5.21
CA ALA D 14 4.12 17.69 -5.40
C ALA D 14 4.61 18.59 -4.30
N LYS D 15 5.03 19.80 -4.65
CA LYS D 15 5.21 20.80 -3.61
C LYS D 15 3.90 21.02 -2.88
N PRO D 16 3.95 21.27 -1.56
CA PRO D 16 2.74 21.66 -0.83
C PRO D 16 1.98 22.79 -1.50
N GLY D 17 0.69 22.56 -1.72
CA GLY D 17 -0.17 23.51 -2.40
C GLY D 17 -0.24 23.28 -3.90
N GLN D 18 0.64 22.42 -4.42
CA GLN D 18 0.67 22.16 -5.87
C GLN D 18 0.05 20.80 -6.20
N GLU D 19 -0.58 20.15 -5.21
CA GLU D 19 -1.13 18.79 -5.44
C GLU D 19 -2.19 18.79 -6.55
N ALA D 20 -3.16 19.70 -6.46
CA ALA D 20 -4.19 19.83 -7.49
C ALA D 20 -3.60 20.20 -8.86
N ALA D 21 -2.62 21.10 -8.84
CA ALA D 21 -2.00 21.57 -10.07
C ALA D 21 -1.23 20.42 -10.75
N LEU D 22 -0.57 19.59 -9.94
CA LEU D 22 0.18 18.46 -10.48
C LEU D 22 -0.77 17.41 -11.08
N ALA D 23 -1.88 17.16 -10.39
CA ALA D 23 -2.88 16.20 -10.90
C ALA D 23 -3.48 16.68 -12.19
N ASP D 24 -3.82 17.97 -12.22
CA ASP D 24 -4.36 18.59 -13.43
CA ASP D 24 -4.37 18.56 -13.45
C ASP D 24 -3.35 18.48 -14.59
N PHE D 25 -2.09 18.78 -14.30
CA PHE D 25 -1.08 18.72 -15.34
C PHE D 25 -1.03 17.29 -15.93
N LEU D 26 -0.97 16.29 -15.05
CA LEU D 26 -0.85 14.89 -15.50
C LEU D 26 -2.09 14.41 -16.24
N ALA D 27 -3.27 14.70 -15.71
CA ALA D 27 -4.49 14.38 -16.41
C ALA D 27 -4.52 15.05 -17.79
N SER D 28 -4.15 16.32 -17.87
CA SER D 28 -4.19 17.05 -19.13
CA SER D 28 -4.20 17.05 -19.14
C SER D 28 -3.11 16.66 -20.16
N ALA D 29 -2.13 15.87 -19.73
CA ALA D 29 -1.11 15.36 -20.63
C ALA D 29 -1.66 14.22 -21.50
N LEU D 30 -2.80 13.69 -21.14
CA LEU D 30 -3.33 12.54 -21.93
C LEU D 30 -3.30 12.68 -23.48
N PRO D 31 -3.83 13.78 -24.03
CA PRO D 31 -3.79 13.87 -25.50
C PRO D 31 -2.37 13.91 -26.04
N LEU D 32 -1.44 14.49 -25.27
CA LEU D 32 -0.04 14.53 -25.67
C LEU D 32 0.49 13.08 -25.73
N ALA D 33 0.12 12.25 -24.75
CA ALA D 33 0.52 10.80 -24.81
C ALA D 33 -0.11 10.05 -25.98
N ASN D 34 -1.40 10.29 -26.22
CA ASN D 34 -2.12 9.70 -27.35
C ASN D 34 -1.40 10.04 -28.64
N ALA D 35 -0.88 11.27 -28.70
CA ALA D 35 -0.21 11.74 -29.94
C ALA D 35 1.12 11.05 -30.22
N GLU D 36 1.68 10.37 -29.22
CA GLU D 36 3.01 9.75 -29.36
C GLU D 36 2.84 8.32 -29.82
N SER D 37 3.03 8.08 -31.12
CA SER D 37 2.84 6.75 -31.68
C SER D 37 3.76 5.72 -31.05
N GLY D 38 4.95 6.15 -30.66
CA GLY D 38 5.88 5.19 -30.09
C GLY D 38 5.62 4.91 -28.62
N THR D 39 4.67 5.60 -28.01
CA THR D 39 4.37 5.36 -26.60
C THR D 39 3.16 4.43 -26.57
N THR D 40 3.42 3.14 -26.41
CA THR D 40 2.42 2.13 -26.60
C THR D 40 1.34 2.21 -25.53
N ALA D 41 1.75 2.44 -24.29
CA ALA D 41 0.81 2.72 -23.22
C ALA D 41 1.41 3.76 -22.26
N TRP D 42 0.51 4.42 -21.52
CA TRP D 42 0.92 5.56 -20.67
C TRP D 42 -0.10 5.73 -19.57
N PHE D 43 0.38 5.82 -18.33
CA PHE D 43 -0.52 5.96 -17.17
C PHE D 43 -0.07 7.10 -16.29
N ALA D 44 -1.02 8.00 -15.99
CA ALA D 44 -0.79 9.10 -15.02
C ALA D 44 -1.27 8.56 -13.68
N LEU D 45 -0.38 8.57 -12.70
CA LEU D 45 -0.57 7.90 -11.39
C LEU D 45 -0.75 8.86 -10.25
N LYS D 46 -1.63 8.47 -9.31
CA LYS D 46 -1.75 9.14 -8.01
C LYS D 46 -1.58 8.08 -6.90
N PHE D 47 -0.51 8.22 -6.14
CA PHE D 47 -0.18 7.33 -5.03
C PHE D 47 -0.76 7.80 -3.70
N GLY D 48 -0.80 9.11 -3.49
CA GLY D 48 -1.36 9.68 -2.27
C GLY D 48 -1.63 11.15 -2.56
N PRO D 49 -2.07 11.90 -1.53
CA PRO D 49 -2.53 13.28 -1.77
C PRO D 49 -1.45 14.17 -2.40
N SER D 50 -0.18 13.90 -2.13
CA SER D 50 0.90 14.69 -2.72
C SER D 50 1.91 13.92 -3.58
N THR D 51 1.61 12.65 -3.88
CA THR D 51 2.58 11.78 -4.55
C THR D 51 1.90 11.25 -5.81
N PHE D 52 2.57 11.44 -6.94
CA PHE D 52 2.04 11.09 -8.25
C PHE D 52 3.11 10.35 -9.04
N GLY D 53 2.87 10.10 -10.31
CA GLY D 53 3.91 9.50 -11.14
C GLY D 53 3.36 9.22 -12.50
N VAL D 54 4.19 8.56 -13.30
CA VAL D 54 3.80 8.12 -14.61
C VAL D 54 4.44 6.74 -14.81
N PHE D 55 3.71 5.84 -15.46
CA PHE D 55 4.32 4.63 -15.98
C PHE D 55 4.04 4.59 -17.45
N ASP D 56 5.06 4.33 -18.26
CA ASP D 56 4.76 4.16 -19.71
C ASP D 56 5.62 3.12 -20.38
N ALA D 57 5.17 2.63 -21.54
CA ALA D 57 5.83 1.47 -22.18
C ALA D 57 6.03 1.76 -23.65
N PHE D 58 6.99 1.07 -24.27
CA PHE D 58 7.52 1.40 -25.59
C PHE D 58 7.93 0.10 -26.26
N ALA D 59 7.95 0.10 -27.57
CA ALA D 59 8.41 -1.07 -28.32
C ALA D 59 9.91 -1.14 -28.34
N ASP D 60 10.59 0.01 -28.27
CA ASP D 60 12.05 -0.02 -28.44
C ASP D 60 12.70 1.23 -27.92
N GLU D 61 14.04 1.28 -27.96
CA GLU D 61 14.75 2.44 -27.41
C GLU D 61 14.32 3.74 -28.10
N ALA D 62 14.10 3.69 -29.42
CA ALA D 62 13.68 4.86 -30.18
C ALA D 62 12.38 5.45 -29.63
N GLY D 63 11.40 4.59 -29.35
CA GLY D 63 10.13 5.03 -28.76
C GLY D 63 10.34 5.67 -27.41
N ARG D 64 11.16 5.03 -26.57
CA ARG D 64 11.43 5.56 -25.24
C ARG D 64 12.15 6.88 -25.31
N GLN D 65 13.13 6.98 -26.19
CA GLN D 65 13.85 8.25 -26.32
C GLN D 65 12.95 9.35 -26.90
N ALA D 66 12.06 8.99 -27.81
CA ALA D 66 11.17 10.00 -28.42
C ALA D 66 10.30 10.62 -27.32
N HIS D 67 9.94 9.79 -26.33
CA HIS D 67 9.12 10.24 -25.24
C HIS D 67 9.95 11.20 -24.33
N LEU D 68 11.17 10.80 -24.03
CA LEU D 68 12.00 11.66 -23.17
C LEU D 68 12.33 12.97 -23.87
N ASN D 69 12.35 12.94 -25.21
CA ASN D 69 12.63 14.11 -26.00
C ASN D 69 11.36 14.87 -26.37
N GLY D 70 10.23 14.41 -25.88
CA GLY D 70 8.94 14.93 -26.30
C GLY D 70 8.25 15.98 -25.46
N GLN D 71 6.96 16.17 -25.75
CA GLN D 71 6.15 17.32 -25.32
C GLN D 71 5.78 17.27 -23.87
N ILE D 72 5.59 16.07 -23.35
CA ILE D 72 5.16 15.92 -21.97
C ILE D 72 6.38 16.09 -21.07
N ALA D 73 7.51 15.50 -21.44
CA ALA D 73 8.74 15.75 -20.70
C ALA D 73 9.12 17.24 -20.77
N ALA D 74 9.00 17.87 -21.94
CA ALA D 74 9.27 19.30 -22.08
C ALA D 74 8.35 20.13 -21.18
N ALA D 75 7.05 19.78 -21.13
CA ALA D 75 6.10 20.60 -20.35
C ALA D 75 6.38 20.45 -18.85
N LEU D 76 6.75 19.24 -18.44
CA LEU D 76 7.04 19.02 -17.02
C LEU D 76 8.33 19.73 -16.60
N MSE D 77 9.34 19.66 -17.46
CA MSE D 77 10.58 20.41 -17.21
C MSE D 77 10.31 21.91 -17.03
O MSE D 77 10.94 22.56 -16.17
CB MSE D 77 11.60 20.18 -18.33
CG MSE D 77 12.33 18.86 -18.15
SE MSE D 77 13.92 18.66 -19.23
CE MSE D 77 13.12 18.69 -20.98
N ALA D 78 9.42 22.47 -17.85
CA ALA D 78 9.10 23.90 -17.82
C ALA D 78 8.44 24.30 -16.49
N ASN D 79 7.76 23.35 -15.86
CA ASN D 79 6.93 23.63 -14.69
C ASN D 79 7.42 22.89 -13.45
N ALA D 80 8.54 22.17 -13.57
CA ALA D 80 9.05 21.30 -12.48
C ALA D 80 9.33 22.09 -11.20
N ALA D 81 10.00 23.25 -11.32
CA ALA D 81 10.36 24.03 -10.16
C ALA D 81 9.12 24.54 -9.41
N THR D 82 8.03 24.74 -10.14
CA THR D 82 6.76 25.17 -9.56
C THR D 82 6.01 24.00 -8.89
N LEU D 83 5.99 22.87 -9.59
CA LEU D 83 5.10 21.78 -9.20
C LEU D 83 5.73 20.85 -8.20
N LEU D 84 7.05 20.63 -8.31
CA LEU D 84 7.70 19.50 -7.62
C LEU D 84 8.50 19.93 -6.43
N SER D 85 8.46 19.16 -5.34
CA SER D 85 9.24 19.53 -4.18
C SER D 85 10.68 19.06 -4.34
N SER D 86 10.95 18.13 -5.27
CA SER D 86 12.31 17.66 -5.48
C SER D 86 12.47 17.02 -6.86
N PRO D 87 13.72 16.87 -7.35
CA PRO D 87 13.96 16.21 -8.61
C PRO D 87 13.42 14.81 -8.58
N PRO D 88 12.66 14.45 -9.61
CA PRO D 88 12.08 13.11 -9.79
C PRO D 88 13.14 12.08 -10.14
N ASN D 89 13.00 10.86 -9.67
CA ASN D 89 13.91 9.80 -10.12
C ASN D 89 13.19 9.12 -11.28
N ILE D 90 13.71 9.32 -12.49
CA ILE D 90 13.17 8.65 -13.65
C ILE D 90 13.86 7.31 -13.80
N GLU D 91 13.11 6.22 -13.70
CA GLU D 91 13.72 4.89 -13.70
C GLU D 91 13.50 4.21 -15.04
N LYS D 92 14.59 3.81 -15.70
CA LYS D 92 14.51 3.03 -16.93
C LYS D 92 14.15 1.62 -16.55
N VAL D 93 13.19 1.03 -17.26
CA VAL D 93 12.68 -0.27 -16.89
C VAL D 93 12.75 -1.16 -18.12
N GLU D 94 13.23 -2.39 -17.93
CA GLU D 94 13.14 -3.40 -18.97
C GLU D 94 11.88 -4.22 -18.71
N LEU D 95 11.08 -4.47 -19.75
CA LEU D 95 9.85 -5.27 -19.59
C LEU D 95 10.17 -6.76 -19.84
N LEU D 96 9.88 -7.61 -18.86
CA LEU D 96 10.08 -9.06 -18.97
C LEU D 96 8.88 -9.73 -19.69
N ALA D 97 7.73 -9.06 -19.64
CA ALA D 97 6.47 -9.58 -20.19
C ALA D 97 5.43 -8.49 -20.07
N ALA D 98 4.43 -8.47 -20.96
CA ALA D 98 3.35 -7.46 -20.90
C ALA D 98 2.06 -8.00 -21.45
N LYS D 99 0.98 -7.70 -20.74
CA LYS D 99 -0.38 -7.86 -21.25
C LYS D 99 -0.95 -6.48 -21.56
N LEU D 100 -1.39 -6.34 -22.81
CA LEU D 100 -2.10 -5.14 -23.26
CA LEU D 100 -2.07 -5.13 -23.31
C LEU D 100 -3.25 -5.53 -24.19
N PRO D 101 -4.35 -4.73 -24.19
CA PRO D 101 -5.36 -5.07 -25.18
C PRO D 101 -4.80 -4.96 -26.59
N ALA D 102 -5.42 -5.66 -27.52
CA ALA D 102 -5.05 -5.56 -28.94
C ALA D 102 -5.05 -4.13 -29.49
N GLY D 103 -3.94 -3.76 -30.15
CA GLY D 103 -3.85 -2.49 -30.88
C GLY D 103 -4.10 -2.68 -32.37
C ACT E . -12.41 5.93 17.37
O ACT E . -12.23 4.76 17.82
OXT ACT E . -11.60 6.79 17.78
CH3 ACT E . -13.51 6.30 16.43
C ACT F . 1.61 -9.21 -9.39
O ACT F . 0.78 -8.49 -8.79
OXT ACT F . 1.27 -9.56 -10.55
CH3 ACT F . 2.88 -9.69 -8.75
C ACT G . 5.09 -6.99 10.20
O ACT G . 5.07 -7.47 11.41
OXT ACT G . 4.41 -5.94 9.86
CH3 ACT G . 5.92 -7.65 9.14
#